data_3EMB
#
_entry.id   3EMB
#
_cell.length_a   37.236
_cell.length_b   61.297
_cell.length_c   128.012
_cell.angle_alpha   90.00
_cell.angle_beta   90.00
_cell.angle_gamma   90.00
#
_symmetry.space_group_name_H-M   'P 21 21 21'
#
loop_
_entity.id
_entity.type
_entity.pdbx_description
1 polymer Methyltransferase
2 non-polymer S-ADENOSYLMETHIONINE
3 non-polymer "7-METHYL-GUANOSINE-5'-TRIPHOSPHATE-5'-GUANOSINE"
4 non-polymer 'SULFATE ION'
5 water water
#
_entity_poly.entity_id   1
_entity_poly.type   'polypeptide(L)'
_entity_poly.pdbx_seq_one_letter_code
;MKHHHHHHGKAAGVTLGEVWKRQLNMLGKQEFERYKVSDITEVDRTAARRYLKEGRTDVGISVSRGAAKIRWLHERGYLR
ITGRVLDLGCGRGGWSYYAAAQKEVMSVKGYTLGIEGHEKPIHMQTLGWNIVKFKDKSNVFTMPTEPSDTLLCDIGESSS
NPLVERDRTMKVLENFERWKHVNTENFCVKVLAPYHPDVIEKLERLQLRFGGGIVRVPFSRNSTHEMYYISGARNNITHM
VNTTSRSLLRRMTRPSGKAIIEGDVFLPTGTRSVASEAGTIDHEALKLRVDQIKAEYSKT
;
_entity_poly.pdbx_strand_id   A
#
loop_
_chem_comp.id
_chem_comp.type
_chem_comp.name
_chem_comp.formula
GTG non-polymer 7-METHYL-GUANOSINE-5'-TRIPHOSPHATE-5'-GUANOSINE 'C21 H30 N10 O18 P3 1'
SAM non-polymer S-ADENOSYLMETHIONINE 'C15 H22 N6 O5 S'
SO4 non-polymer 'SULFATE ION' 'O4 S -2'
#
# COMPACT_ATOMS: atom_id res chain seq x y z
N VAL A 14 17.01 3.24 -19.69
CA VAL A 14 16.60 4.60 -20.14
C VAL A 14 16.26 5.51 -18.95
N THR A 15 15.18 5.20 -18.24
CA THR A 15 14.89 5.91 -16.98
C THR A 15 15.84 5.42 -15.88
N LEU A 16 16.00 6.21 -14.82
CA LEU A 16 16.81 5.81 -13.68
C LEU A 16 16.26 4.53 -13.02
N GLY A 17 14.94 4.41 -12.96
CA GLY A 17 14.26 3.27 -12.34
C GLY A 17 14.45 1.96 -13.09
N GLU A 18 14.67 2.06 -14.40
CA GLU A 18 14.99 0.91 -15.25
C GLU A 18 16.41 0.42 -15.01
N VAL A 19 17.33 1.35 -14.77
CA VAL A 19 18.70 1.03 -14.36
C VAL A 19 18.69 0.32 -13.00
N TRP A 20 17.85 0.82 -12.08
CA TRP A 20 17.71 0.27 -10.72
C TRP A 20 17.25 -1.20 -10.74
N LYS A 21 16.27 -1.48 -11.58
CA LYS A 21 15.67 -2.80 -11.70
C LYS A 21 16.64 -3.83 -12.31
N ARG A 22 17.40 -3.43 -13.32
CA ARG A 22 18.40 -4.31 -13.95
C ARG A 22 19.53 -4.68 -12.98
N GLN A 23 20.05 -3.68 -12.29
CA GLN A 23 21.12 -3.84 -11.31
C GLN A 23 20.70 -4.68 -10.10
N LEU A 24 19.49 -4.43 -9.61
CA LEU A 24 18.87 -5.22 -8.56
C LEU A 24 18.84 -6.73 -8.89
N ASN A 25 18.43 -7.05 -10.11
CA ASN A 25 18.33 -8.44 -10.56
C ASN A 25 19.68 -9.14 -10.70
N MET A 26 20.75 -8.35 -10.73
CA MET A 26 22.10 -8.86 -10.91
C MET A 26 22.79 -9.14 -9.57
N LEU A 27 22.34 -8.47 -8.52
CA LEU A 27 22.88 -8.65 -7.17
C LEU A 27 22.97 -10.13 -6.78
N GLY A 28 24.02 -10.44 -6.03
CA GLY A 28 24.23 -11.76 -5.43
C GLY A 28 23.25 -11.93 -4.28
N LYS A 29 23.03 -13.17 -3.89
CA LYS A 29 22.07 -13.49 -2.82
C LYS A 29 22.24 -12.60 -1.58
N GLN A 30 23.47 -12.56 -1.06
CA GLN A 30 23.78 -11.80 0.16
C GLN A 30 23.70 -10.30 -0.04
N GLU A 31 24.25 -9.82 -1.17
CA GLU A 31 24.09 -8.45 -1.60
C GLU A 31 22.61 -8.04 -1.61
N PHE A 32 21.76 -8.88 -2.22
CA PHE A 32 20.31 -8.65 -2.27
C PHE A 32 19.69 -8.49 -0.88
N GLU A 33 19.94 -9.46 0.00
CA GLU A 33 19.39 -9.46 1.36
C GLU A 33 19.83 -8.22 2.16
N ARG A 34 21.10 -7.85 2.02
CA ARG A 34 21.68 -6.67 2.69
C ARG A 34 21.05 -5.39 2.14
N TYR A 35 20.95 -5.30 0.81
CA TYR A 35 20.38 -4.14 0.13
C TYR A 35 18.90 -3.88 0.42
N LYS A 36 18.09 -4.94 0.49
CA LYS A 36 16.64 -4.78 0.59
C LYS A 36 16.16 -4.07 1.87
N VAL A 37 16.92 -4.22 2.95
CA VAL A 37 16.62 -3.62 4.25
C VAL A 37 17.43 -2.35 4.57
N SER A 38 18.33 -1.96 3.65
CA SER A 38 19.25 -0.83 3.86
C SER A 38 18.55 0.52 4.04
N ASP A 39 18.67 1.07 5.25
CA ASP A 39 18.12 2.39 5.62
C ASP A 39 16.60 2.52 5.51
N ILE A 40 15.90 1.40 5.27
CA ILE A 40 14.44 1.38 5.29
C ILE A 40 13.97 1.48 6.74
N THR A 41 12.69 1.82 6.90
CA THR A 41 12.02 1.80 8.19
C THR A 41 11.19 0.51 8.30
N GLU A 42 11.03 0.02 9.52
CA GLU A 42 10.43 -1.30 9.72
C GLU A 42 9.71 -1.32 11.06
N VAL A 43 8.55 -1.97 11.11
CA VAL A 43 7.84 -2.14 12.37
C VAL A 43 8.25 -3.47 13.00
N ASP A 44 8.31 -3.49 14.33
CA ASP A 44 8.62 -4.72 15.03
C ASP A 44 7.34 -5.55 15.20
N ARG A 45 7.29 -6.68 14.51
CA ARG A 45 6.06 -7.50 14.43
C ARG A 45 5.97 -8.62 15.46
N THR A 46 6.92 -8.68 16.39
CA THR A 46 7.04 -9.80 17.33
C THR A 46 5.82 -9.95 18.23
N ALA A 47 5.41 -8.84 18.87
CA ALA A 47 4.25 -8.82 19.76
C ALA A 47 2.98 -9.33 19.09
N ALA A 48 2.69 -8.82 17.89
CA ALA A 48 1.51 -9.23 17.12
C ALA A 48 1.53 -10.70 16.76
N ARG A 49 2.67 -11.16 16.24
CA ARG A 49 2.87 -12.55 15.86
C ARG A 49 2.68 -13.47 17.07
N ARG A 50 3.27 -13.10 18.21
CA ARG A 50 3.09 -13.86 19.45
C ARG A 50 1.63 -14.03 19.85
N TYR A 51 0.86 -12.93 19.79
CA TYR A 51 -0.56 -12.95 20.16
C TYR A 51 -1.42 -13.71 19.15
N LEU A 52 -1.13 -13.55 17.86
CA LEU A 52 -1.82 -14.28 16.79
C LEU A 52 -1.59 -15.80 16.88
N LYS A 53 -0.36 -16.21 17.18
CA LYS A 53 -0.03 -17.63 17.32
C LYS A 53 -0.92 -18.30 18.39
N GLU A 54 -1.28 -17.54 19.42
CA GLU A 54 -2.16 -18.03 20.48
C GLU A 54 -3.65 -17.76 20.22
N GLY A 55 -3.99 -17.24 19.03
CA GLY A 55 -5.38 -16.94 18.65
C GLY A 55 -6.02 -15.74 19.35
N ARG A 56 -5.21 -14.78 19.77
CA ARG A 56 -5.75 -13.65 20.53
C ARG A 56 -6.24 -12.50 19.65
N THR A 57 -7.44 -12.68 19.08
CA THR A 57 -8.07 -11.71 18.18
C THR A 57 -8.62 -10.50 18.93
N ASP A 58 -8.65 -10.62 20.25
CA ASP A 58 -9.19 -9.59 21.14
C ASP A 58 -8.21 -8.41 21.40
N VAL A 59 -6.94 -8.63 21.11
CA VAL A 59 -5.90 -7.67 21.48
C VAL A 59 -5.65 -6.67 20.37
N GLY A 60 -5.15 -5.49 20.73
CA GLY A 60 -5.17 -4.35 19.83
C GLY A 60 -4.00 -4.36 18.87
N ILE A 61 -3.97 -5.37 17.99
CA ILE A 61 -2.86 -5.55 17.07
C ILE A 61 -3.33 -5.54 15.63
N SER A 62 -2.39 -5.36 14.70
CA SER A 62 -2.71 -5.38 13.28
C SER A 62 -2.38 -6.76 12.74
N VAL A 63 -3.17 -7.18 11.76
CA VAL A 63 -3.02 -8.50 11.14
C VAL A 63 -1.88 -8.55 10.12
N SER A 64 -1.40 -7.39 9.70
CA SER A 64 -0.33 -7.35 8.72
C SER A 64 0.64 -6.18 8.89
N ARG A 65 1.84 -6.40 8.35
CA ARG A 65 2.89 -5.39 8.20
C ARG A 65 2.43 -4.19 7.36
N GLY A 66 1.51 -4.43 6.42
CA GLY A 66 0.99 -3.41 5.52
C GLY A 66 0.34 -2.22 6.20
N ALA A 67 -0.21 -2.44 7.40
CA ALA A 67 -0.83 -1.38 8.18
C ALA A 67 0.11 -0.21 8.52
N ALA A 68 1.42 -0.46 8.53
CA ALA A 68 2.43 0.58 8.82
C ALA A 68 2.52 1.62 7.70
N LYS A 69 2.23 1.19 6.47
CA LYS A 69 2.20 2.10 5.32
C LYS A 69 1.01 3.07 5.38
N ILE A 70 -0.18 2.55 5.69
CA ILE A 70 -1.36 3.41 5.75
C ILE A 70 -1.34 4.37 6.97
N ARG A 71 -0.77 3.92 8.10
CA ARG A 71 -0.56 4.81 9.24
C ARG A 71 0.35 5.98 8.89
N TRP A 72 1.47 5.71 8.22
CA TRP A 72 2.39 6.76 7.82
C TRP A 72 1.70 7.77 6.86
N LEU A 73 1.02 7.24 5.84
CA LEU A 73 0.18 8.06 4.92
C LEU A 73 -0.85 8.96 5.62
N HIS A 74 -1.61 8.37 6.53
CA HIS A 74 -2.63 9.09 7.31
C HIS A 74 -2.01 10.16 8.25
N GLU A 75 -1.11 9.72 9.13
CA GLU A 75 -0.47 10.61 10.11
C GLU A 75 0.38 11.73 9.53
N ARG A 76 0.94 11.53 8.34
CA ARG A 76 1.79 12.54 7.70
C ARG A 76 1.06 13.47 6.71
N GLY A 77 -0.27 13.40 6.70
CA GLY A 77 -1.11 14.30 5.91
C GLY A 77 -1.31 13.98 4.45
N TYR A 78 -0.84 12.81 4.00
CA TYR A 78 -1.01 12.39 2.61
C TYR A 78 -2.41 11.87 2.27
N LEU A 79 -3.13 11.43 3.29
CA LEU A 79 -4.41 10.79 3.09
C LEU A 79 -5.35 11.05 4.27
N ARG A 80 -6.54 11.57 3.96
CA ARG A 80 -7.66 11.62 4.92
C ARG A 80 -8.47 10.34 4.75
N ILE A 81 -8.97 9.81 5.87
CA ILE A 81 -9.77 8.57 5.88
C ILE A 81 -11.12 8.82 6.56
N THR A 82 -12.18 8.66 5.77
CA THR A 82 -13.42 9.38 5.96
C THR A 82 -14.61 8.65 5.33
N GLY A 83 -15.75 8.64 6.04
CA GLY A 83 -17.02 8.16 5.48
C GLY A 83 -17.07 6.68 5.17
N ARG A 84 -17.61 6.33 4.01
CA ARG A 84 -17.56 4.94 3.58
C ARG A 84 -16.27 4.63 2.83
N VAL A 85 -15.48 3.72 3.37
CA VAL A 85 -14.18 3.40 2.80
C VAL A 85 -14.24 2.08 2.04
N LEU A 86 -13.77 2.11 0.78
CA LEU A 86 -13.58 0.88 0.01
C LEU A 86 -12.12 0.44 0.02
N ASP A 87 -11.88 -0.80 0.41
CA ASP A 87 -10.53 -1.34 0.49
C ASP A 87 -10.32 -2.43 -0.55
N LEU A 88 -9.78 -2.05 -1.71
CA LEU A 88 -9.58 -2.99 -2.82
C LEU A 88 -8.27 -3.75 -2.71
N GLY A 89 -8.33 -5.08 -2.77
CA GLY A 89 -7.16 -5.90 -2.47
C GLY A 89 -6.81 -5.85 -0.99
N CYS A 90 -7.80 -6.04 -0.13
CA CYS A 90 -7.61 -5.92 1.32
C CYS A 90 -6.73 -6.99 1.98
N GLY A 91 -6.52 -8.12 1.32
CA GLY A 91 -5.73 -9.22 1.90
C GLY A 91 -6.26 -9.59 3.28
N ARG A 92 -5.33 -9.66 4.25
CA ARG A 92 -5.68 -10.02 5.65
C ARG A 92 -6.59 -9.01 6.35
N GLY A 93 -6.55 -7.76 5.87
CA GLY A 93 -7.37 -6.67 6.41
C GLY A 93 -6.64 -5.58 7.20
N GLY A 94 -5.33 -5.46 7.03
CA GLY A 94 -4.53 -4.47 7.75
C GLY A 94 -4.90 -3.00 7.53
N TRP A 95 -5.28 -2.64 6.30
CA TRP A 95 -5.75 -1.28 6.00
C TRP A 95 -7.18 -1.08 6.43
N SER A 96 -8.00 -2.14 6.29
CA SER A 96 -9.41 -2.14 6.70
C SER A 96 -9.60 -1.89 8.20
N TYR A 97 -8.80 -2.56 9.02
CA TYR A 97 -8.92 -2.44 10.47
C TYR A 97 -8.32 -1.13 10.99
N TYR A 98 -7.28 -0.63 10.33
CA TYR A 98 -6.73 0.69 10.64
C TYR A 98 -7.77 1.78 10.40
N ALA A 99 -8.43 1.71 9.24
CA ALA A 99 -9.49 2.63 8.86
C ALA A 99 -10.69 2.59 9.82
N ALA A 100 -11.18 1.39 10.11
CA ALA A 100 -12.31 1.18 11.02
C ALA A 100 -12.13 1.85 12.38
N ALA A 101 -10.87 1.98 12.82
CA ALA A 101 -10.51 2.63 14.08
C ALA A 101 -10.54 4.16 14.04
N GLN A 102 -10.64 4.76 12.85
CA GLN A 102 -10.56 6.22 12.71
C GLN A 102 -11.88 6.99 12.91
N LYS A 103 -11.79 8.11 13.62
CA LYS A 103 -12.92 9.00 13.95
C LYS A 103 -13.96 9.21 12.85
N GLU A 104 -13.49 9.63 11.67
CA GLU A 104 -14.35 10.10 10.58
C GLU A 104 -14.97 8.97 9.74
N VAL A 105 -14.60 7.73 10.02
CA VAL A 105 -15.04 6.56 9.22
C VAL A 105 -16.40 6.03 9.70
N MET A 106 -17.28 5.72 8.74
CA MET A 106 -18.61 5.17 9.05
C MET A 106 -18.74 3.67 8.81
N SER A 107 -18.01 3.16 7.82
CA SER A 107 -18.04 1.76 7.43
C SER A 107 -16.83 1.46 6.55
N VAL A 108 -16.43 0.19 6.53
CA VAL A 108 -15.39 -0.27 5.61
C VAL A 108 -15.91 -1.50 4.87
N LYS A 109 -15.73 -1.52 3.54
CA LYS A 109 -15.97 -2.71 2.74
C LYS A 109 -14.67 -3.16 2.10
N GLY A 110 -14.20 -4.36 2.48
CA GLY A 110 -12.96 -4.92 1.93
C GLY A 110 -13.16 -6.06 0.95
N TYR A 111 -12.55 -5.95 -0.24
CA TYR A 111 -12.64 -6.97 -1.30
C TYR A 111 -11.26 -7.54 -1.59
N THR A 112 -11.16 -8.86 -1.70
CA THR A 112 -9.85 -9.50 -1.98
C THR A 112 -10.01 -10.84 -2.67
N LEU A 113 -9.03 -11.23 -3.48
CA LEU A 113 -9.09 -12.49 -4.21
C LEU A 113 -9.07 -13.72 -3.31
N GLY A 114 -8.21 -13.72 -2.29
CA GLY A 114 -8.07 -14.86 -1.39
C GLY A 114 -7.63 -16.11 -2.13
N ILE A 115 -6.70 -15.93 -3.06
CA ILE A 115 -6.14 -17.03 -3.85
C ILE A 115 -5.30 -17.98 -2.96
N GLU A 116 -4.70 -17.42 -1.92
CA GLU A 116 -3.96 -18.17 -0.90
C GLU A 116 -4.53 -17.94 0.51
N GLY A 117 -4.50 -19.00 1.32
CA GLY A 117 -5.04 -19.01 2.67
C GLY A 117 -4.61 -17.88 3.60
N HIS A 118 -3.31 -17.65 3.73
CA HIS A 118 -2.78 -16.60 4.63
C HIS A 118 -2.92 -15.19 4.08
N GLU A 119 -3.64 -15.07 2.96
CA GLU A 119 -3.91 -13.81 2.27
C GLU A 119 -5.43 -13.57 2.18
N LYS A 120 -6.18 -14.30 3.01
CA LYS A 120 -7.62 -14.13 3.18
C LYS A 120 -7.88 -13.24 4.39
N PRO A 121 -9.03 -12.54 4.41
CA PRO A 121 -9.29 -11.69 5.57
C PRO A 121 -9.29 -12.47 6.89
N ILE A 122 -8.69 -11.86 7.90
CA ILE A 122 -8.62 -12.39 9.27
C ILE A 122 -9.48 -11.51 10.19
N HIS A 123 -10.49 -12.10 10.84
CA HIS A 123 -11.31 -11.33 11.78
C HIS A 123 -10.56 -10.90 13.07
N MET A 124 -10.76 -9.66 13.48
CA MET A 124 -10.21 -9.11 14.72
C MET A 124 -11.32 -8.38 15.48
N GLN A 125 -11.04 -8.03 16.73
CA GLN A 125 -11.98 -7.27 17.56
C GLN A 125 -11.39 -5.90 17.96
N THR A 126 -10.57 -5.35 17.07
CA THR A 126 -10.03 -4.00 17.24
C THR A 126 -11.13 -2.98 16.92
N LEU A 127 -10.89 -1.73 17.30
CA LEU A 127 -11.94 -0.71 17.29
C LEU A 127 -12.65 -0.56 15.95
N GLY A 128 -13.98 -0.67 16.01
CA GLY A 128 -14.83 -0.56 14.83
C GLY A 128 -14.93 -1.83 13.99
N TRP A 129 -14.55 -2.98 14.55
CA TRP A 129 -14.59 -4.25 13.80
C TRP A 129 -15.99 -4.57 13.26
N ASN A 130 -17.00 -4.04 13.94
CA ASN A 130 -18.41 -4.30 13.63
C ASN A 130 -18.96 -3.45 12.48
N ILE A 131 -18.15 -2.53 11.98
CA ILE A 131 -18.52 -1.72 10.82
C ILE A 131 -17.70 -2.13 9.58
N VAL A 132 -16.95 -3.22 9.71
CA VAL A 132 -16.21 -3.77 8.58
C VAL A 132 -16.94 -4.97 8.00
N LYS A 133 -17.03 -5.02 6.67
CA LYS A 133 -17.49 -6.20 5.95
C LYS A 133 -16.40 -6.62 4.98
N PHE A 134 -16.06 -7.90 4.99
CA PHE A 134 -15.10 -8.49 4.06
C PHE A 134 -15.80 -9.40 3.06
N LYS A 135 -15.35 -9.39 1.83
CA LYS A 135 -15.76 -10.38 0.85
C LYS A 135 -14.49 -10.89 0.15
N ASP A 136 -14.12 -12.14 0.41
CA ASP A 136 -13.02 -12.74 -0.34
C ASP A 136 -13.56 -13.43 -1.59
N LYS A 137 -12.69 -14.01 -2.42
CA LYS A 137 -13.09 -14.54 -3.73
C LYS A 137 -13.67 -13.44 -4.63
N SER A 138 -13.21 -12.20 -4.42
CA SER A 138 -13.62 -11.03 -5.21
C SER A 138 -12.52 -10.51 -6.12
N ASN A 139 -12.78 -10.53 -7.42
CA ASN A 139 -11.89 -9.88 -8.39
C ASN A 139 -12.40 -8.46 -8.65
N VAL A 140 -11.70 -7.47 -8.09
CA VAL A 140 -12.10 -6.06 -8.21
C VAL A 140 -12.05 -5.54 -9.65
N PHE A 141 -11.47 -6.31 -10.57
CA PHE A 141 -11.40 -5.94 -11.99
C PHE A 141 -12.63 -6.37 -12.78
N THR A 142 -13.31 -7.42 -12.31
CA THR A 142 -14.53 -7.90 -12.98
C THR A 142 -15.80 -7.33 -12.37
N MET A 143 -15.74 -6.96 -11.10
CA MET A 143 -16.92 -6.53 -10.38
C MET A 143 -17.41 -5.11 -10.72
N PRO A 144 -18.71 -4.86 -10.56
CA PRO A 144 -19.21 -3.50 -10.76
C PRO A 144 -18.68 -2.61 -9.64
N THR A 145 -18.46 -1.33 -9.95
CA THR A 145 -17.97 -0.38 -8.96
C THR A 145 -19.09 0.03 -8.01
N GLU A 146 -18.72 0.57 -6.86
CA GLU A 146 -19.68 1.12 -5.93
C GLU A 146 -19.17 2.44 -5.37
N PRO A 147 -20.08 3.30 -4.87
CA PRO A 147 -19.66 4.63 -4.38
C PRO A 147 -18.77 4.52 -3.15
N SER A 148 -17.93 5.53 -2.94
CA SER A 148 -17.03 5.62 -1.79
C SER A 148 -16.68 7.07 -1.50
N ASP A 149 -16.32 7.35 -0.27
CA ASP A 149 -15.78 8.64 0.10
C ASP A 149 -14.27 8.56 0.19
N THR A 150 -13.78 7.35 0.46
CA THR A 150 -12.36 7.04 0.56
C THR A 150 -12.12 5.73 -0.20
N LEU A 151 -11.29 5.80 -1.24
CA LEU A 151 -10.98 4.64 -2.06
C LEU A 151 -9.54 4.20 -1.88
N LEU A 152 -9.34 3.02 -1.29
CA LEU A 152 -8.00 2.44 -1.08
C LEU A 152 -7.76 1.26 -2.01
N CYS A 153 -6.55 1.14 -2.55
CA CYS A 153 -6.19 0.00 -3.38
C CYS A 153 -4.72 -0.32 -3.17
N ASP A 154 -4.46 -1.54 -2.69
CA ASP A 154 -3.11 -1.95 -2.37
C ASP A 154 -2.69 -3.17 -3.21
N ILE A 155 -3.05 -3.13 -4.49
CA ILE A 155 -2.80 -4.21 -5.41
C ILE A 155 -1.52 -3.98 -6.24
N GLY A 156 -0.73 -5.02 -6.39
CA GLY A 156 0.43 -4.99 -7.28
C GLY A 156 1.45 -6.04 -6.90
N GLU A 157 1.40 -7.20 -7.57
CA GLU A 157 2.30 -8.30 -7.31
C GLU A 157 3.64 -8.08 -8.00
N SER A 158 4.72 -8.19 -7.25
CA SER A 158 6.07 -8.06 -7.78
C SER A 158 6.42 -9.12 -8.82
N SER A 159 7.30 -8.74 -9.75
CA SER A 159 7.86 -9.65 -10.74
C SER A 159 9.26 -9.14 -11.05
N SER A 160 10.19 -10.05 -11.27
CA SER A 160 11.56 -9.66 -11.65
C SER A 160 11.59 -9.11 -13.09
N ASN A 161 10.55 -9.44 -13.84
CA ASN A 161 10.32 -8.96 -15.20
C ASN A 161 9.65 -7.60 -15.18
N PRO A 162 10.38 -6.53 -15.55
CA PRO A 162 9.81 -5.17 -15.49
C PRO A 162 8.60 -4.98 -16.42
N LEU A 163 8.55 -5.74 -17.52
CA LEU A 163 7.42 -5.67 -18.44
C LEU A 163 6.16 -6.22 -17.80
N VAL A 164 6.30 -7.30 -17.04
CA VAL A 164 5.19 -7.82 -16.23
C VAL A 164 4.71 -6.79 -15.19
N GLU A 165 5.64 -6.14 -14.50
CA GLU A 165 5.29 -5.15 -13.48
C GLU A 165 4.61 -3.93 -14.07
N ARG A 166 5.05 -3.49 -15.25
CA ARG A 166 4.42 -2.40 -16.00
C ARG A 166 2.95 -2.66 -16.34
N ASP A 167 2.68 -3.85 -16.90
CA ASP A 167 1.34 -4.32 -17.23
C ASP A 167 0.46 -4.40 -16.00
N ARG A 168 0.98 -4.99 -14.93
CA ARG A 168 0.23 -5.07 -13.68
C ARG A 168 -0.17 -3.68 -13.17
N THR A 169 0.79 -2.75 -13.18
CA THR A 169 0.57 -1.36 -12.76
C THR A 169 -0.51 -0.63 -13.59
N MET A 170 -0.40 -0.73 -14.91
CA MET A 170 -1.36 -0.13 -15.84
C MET A 170 -2.77 -0.69 -15.68
N LYS A 171 -2.85 -2.00 -15.44
CA LYS A 171 -4.13 -2.66 -15.15
C LYS A 171 -4.78 -2.10 -13.88
N VAL A 172 -3.97 -1.94 -12.83
CA VAL A 172 -4.43 -1.40 -11.55
C VAL A 172 -4.91 0.05 -11.66
N LEU A 173 -4.17 0.87 -12.44
CA LEU A 173 -4.50 2.29 -12.67
C LEU A 173 -5.76 2.53 -13.51
N GLU A 174 -5.99 1.66 -14.49
CA GLU A 174 -7.22 1.71 -15.29
C GLU A 174 -8.45 1.37 -14.47
N ASN A 175 -8.33 0.36 -13.62
CA ASN A 175 -9.41 -0.05 -12.74
C ASN A 175 -9.66 1.00 -11.65
N PHE A 176 -8.60 1.68 -11.22
CA PHE A 176 -8.72 2.76 -10.24
C PHE A 176 -9.54 3.91 -10.78
N GLU A 177 -9.25 4.31 -12.02
CA GLU A 177 -9.98 5.39 -12.70
C GLU A 177 -11.47 5.05 -12.83
N ARG A 178 -11.75 3.78 -13.16
CA ARG A 178 -13.11 3.23 -13.17
C ARG A 178 -13.82 3.35 -11.81
N TRP A 179 -13.17 2.91 -10.74
CA TRP A 179 -13.70 2.88 -9.40
C TRP A 179 -13.76 4.27 -8.78
N LYS A 180 -12.92 5.17 -9.22
CA LYS A 180 -12.89 6.49 -8.73
C LYS A 180 -14.04 7.43 -9.15
N HIS A 181 -14.97 7.62 -8.24
CA HIS A 181 -16.17 8.38 -8.50
C HIS A 181 -16.16 9.84 -8.11
N VAL A 182 -17.19 10.52 -8.52
CA VAL A 182 -17.18 11.98 -8.45
C VAL A 182 -17.36 12.46 -7.00
N ASN A 183 -18.32 11.85 -6.33
CA ASN A 183 -18.18 11.05 -5.11
C ASN A 183 -16.90 10.98 -4.21
N THR A 184 -15.87 10.40 -4.75
CA THR A 184 -14.69 10.02 -4.04
C THR A 184 -13.76 11.21 -3.81
N GLU A 185 -13.55 11.57 -2.58
CA GLU A 185 -12.75 12.68 -2.22
C GLU A 185 -11.32 12.29 -1.84
N ASN A 186 -11.23 11.14 -1.22
CA ASN A 186 -9.97 10.60 -0.73
C ASN A 186 -9.63 9.30 -1.45
N PHE A 187 -8.36 9.15 -1.80
CA PHE A 187 -7.90 7.92 -2.42
C PHE A 187 -6.44 7.66 -2.12
N CYS A 188 -6.07 6.37 -2.12
CA CYS A 188 -4.69 5.95 -2.00
C CYS A 188 -4.54 4.68 -2.83
N VAL A 189 -3.76 4.76 -3.91
CA VAL A 189 -3.57 3.61 -4.79
C VAL A 189 -2.10 3.28 -4.95
N LYS A 190 -1.78 2.00 -4.82
CA LYS A 190 -0.44 1.49 -5.08
C LYS A 190 -0.10 1.60 -6.54
N VAL A 191 1.08 2.17 -6.82
CA VAL A 191 1.66 2.15 -8.16
C VAL A 191 2.90 1.26 -8.07
N LEU A 192 2.77 0.01 -8.52
CA LEU A 192 3.84 -0.99 -8.36
C LEU A 192 5.19 -0.57 -8.94
N ALA A 193 5.18 -0.15 -10.21
CA ALA A 193 6.39 0.24 -10.91
C ALA A 193 6.14 1.60 -11.54
N PRO A 194 6.34 2.68 -10.77
CA PRO A 194 5.98 4.02 -11.23
C PRO A 194 6.96 4.60 -12.25
N TYR A 195 8.13 3.98 -12.39
CA TYR A 195 9.22 4.53 -13.21
C TYR A 195 9.06 4.34 -14.74
N HIS A 196 8.18 3.43 -15.16
CA HIS A 196 7.91 3.22 -16.58
C HIS A 196 7.26 4.43 -17.21
N PRO A 197 7.82 4.93 -18.31
CA PRO A 197 7.23 6.06 -19.04
C PRO A 197 5.71 5.99 -19.31
N ASP A 198 5.18 4.80 -19.59
CA ASP A 198 3.73 4.63 -19.81
C ASP A 198 2.97 4.85 -18.51
N VAL A 199 3.56 4.43 -17.41
CA VAL A 199 2.95 4.59 -16.09
C VAL A 199 2.93 6.06 -15.67
N ILE A 200 4.05 6.76 -15.86
CA ILE A 200 4.14 8.20 -15.62
C ILE A 200 3.15 9.00 -16.46
N GLU A 201 3.10 8.73 -17.76
CA GLU A 201 2.16 9.43 -18.66
C GLU A 201 0.71 9.24 -18.22
N LYS A 202 0.34 8.04 -17.80
CA LYS A 202 -1.00 7.74 -17.28
C LYS A 202 -1.32 8.47 -15.97
N LEU A 203 -0.38 8.44 -15.02
CA LEU A 203 -0.56 9.15 -13.75
C LEU A 203 -0.79 10.65 -13.93
N GLU A 204 -0.10 11.21 -14.94
CA GLU A 204 -0.17 12.65 -15.24
C GLU A 204 -1.53 13.09 -15.75
N ARG A 205 -2.14 12.28 -16.62
CA ARG A 205 -3.53 12.49 -17.05
C ARG A 205 -4.57 12.26 -15.93
N LEU A 206 -4.32 11.31 -15.04
CA LEU A 206 -5.18 11.08 -13.87
C LEU A 206 -5.12 12.25 -12.89
N GLN A 207 -3.93 12.80 -12.69
CA GLN A 207 -3.72 13.98 -11.86
C GLN A 207 -4.43 15.24 -12.39
N LEU A 208 -4.53 15.36 -13.72
CA LEU A 208 -5.29 16.44 -14.33
C LEU A 208 -6.78 16.29 -14.06
N ARG A 209 -7.23 15.04 -14.00
CA ARG A 209 -8.62 14.75 -13.73
C ARG A 209 -8.96 14.80 -12.22
N PHE A 210 -8.09 14.23 -11.38
CA PHE A 210 -8.42 14.00 -9.97
C PHE A 210 -7.55 14.77 -8.99
N GLY A 211 -6.49 15.40 -9.48
CA GLY A 211 -5.53 16.04 -8.59
C GLY A 211 -4.61 15.05 -7.91
N GLY A 212 -4.11 15.41 -6.74
CA GLY A 212 -3.23 14.56 -5.96
C GLY A 212 -1.78 14.56 -6.38
N GLY A 213 -1.07 13.57 -5.87
CA GLY A 213 0.35 13.40 -6.17
C GLY A 213 0.80 12.01 -5.75
N ILE A 214 2.12 11.78 -5.84
CA ILE A 214 2.70 10.46 -5.61
C ILE A 214 3.74 10.53 -4.49
N VAL A 215 3.76 9.51 -3.63
CA VAL A 215 4.70 9.46 -2.51
C VAL A 215 5.32 8.08 -2.33
N ARG A 216 6.54 8.05 -1.79
CA ARG A 216 7.24 6.84 -1.48
C ARG A 216 7.16 6.64 0.03
N VAL A 217 6.60 5.51 0.47
CA VAL A 217 6.47 5.20 1.88
C VAL A 217 7.78 4.52 2.36
N PRO A 218 8.41 5.06 3.43
CA PRO A 218 9.73 4.57 3.87
C PRO A 218 9.78 3.12 4.40
N PHE A 219 8.60 2.54 4.63
CA PHE A 219 8.47 1.14 5.04
C PHE A 219 8.60 0.16 3.90
N SER A 220 8.54 0.67 2.67
CA SER A 220 8.74 -0.16 1.51
C SER A 220 10.20 -0.60 1.44
N ARG A 221 10.41 -1.84 1.01
CA ARG A 221 11.77 -2.39 0.90
C ARG A 221 12.46 -1.84 -0.34
N ASN A 222 13.79 -1.77 -0.30
CA ASN A 222 14.59 -1.24 -1.42
C ASN A 222 14.49 -2.12 -2.67
N SER A 223 13.92 -3.31 -2.51
CA SER A 223 13.79 -4.27 -3.61
C SER A 223 12.51 -4.07 -4.45
N THR A 224 11.66 -3.12 -4.06
CA THR A 224 10.52 -2.69 -4.87
C THR A 224 10.53 -1.16 -5.04
N HIS A 225 10.06 -0.69 -6.20
CA HIS A 225 9.96 0.75 -6.51
C HIS A 225 8.54 1.31 -6.26
N GLU A 226 7.69 0.52 -5.60
CA GLU A 226 6.31 0.90 -5.34
C GLU A 226 6.20 2.32 -4.74
N MET A 227 5.21 3.07 -5.20
CA MET A 227 4.89 4.35 -4.60
C MET A 227 3.37 4.43 -4.55
N TYR A 228 2.83 5.45 -3.89
CA TYR A 228 1.38 5.58 -3.74
C TYR A 228 0.87 6.89 -4.32
N TYR A 229 -0.16 6.76 -5.16
CA TYR A 229 -0.92 7.88 -5.70
C TYR A 229 -2.01 8.25 -4.68
N ILE A 230 -1.91 9.45 -4.13
CA ILE A 230 -2.71 9.86 -2.98
C ILE A 230 -3.41 11.21 -3.23
N SER A 231 -4.51 11.43 -2.52
CA SER A 231 -5.28 12.67 -2.69
C SER A 231 -4.80 13.86 -1.86
N GLY A 232 -3.96 13.61 -0.86
CA GLY A 232 -3.67 14.59 0.18
C GLY A 232 -2.61 15.62 -0.10
N ALA A 233 -1.84 15.41 -1.17
CA ALA A 233 -0.78 16.36 -1.54
C ALA A 233 -0.73 16.58 -3.05
N ARG A 234 -0.23 17.74 -3.46
CA ARG A 234 0.06 18.00 -4.88
C ARG A 234 1.57 18.06 -5.08
N ASN A 235 2.07 17.29 -6.04
CA ASN A 235 3.47 17.31 -6.39
C ASN A 235 3.71 16.87 -7.82
N ASN A 236 4.93 17.04 -8.29
CA ASN A 236 5.33 16.64 -9.63
C ASN A 236 5.65 15.15 -9.62
N ILE A 237 4.84 14.38 -10.37
CA ILE A 237 4.97 12.93 -10.49
C ILE A 237 6.39 12.49 -10.87
N THR A 238 6.89 13.05 -11.98
CA THR A 238 8.20 12.74 -12.52
C THR A 238 9.32 13.08 -11.54
N HIS A 239 9.26 14.26 -10.93
CA HIS A 239 10.26 14.66 -9.92
C HIS A 239 10.28 13.70 -8.73
N MET A 240 9.09 13.30 -8.27
CA MET A 240 8.97 12.41 -7.10
C MET A 240 9.51 10.99 -7.38
N VAL A 241 9.15 10.46 -8.55
CA VAL A 241 9.61 9.15 -9.00
C VAL A 241 11.14 9.10 -9.22
N ASN A 242 11.72 10.08 -9.92
CA ASN A 242 13.19 10.12 -10.10
C ASN A 242 13.97 10.28 -8.80
N THR A 243 13.43 11.07 -7.87
CA THR A 243 14.05 11.24 -6.54
C THR A 243 14.10 9.89 -5.81
N THR A 244 13.03 9.11 -5.91
CA THR A 244 13.01 7.76 -5.33
C THR A 244 14.01 6.86 -6.03
N SER A 245 14.02 6.88 -7.36
CA SER A 245 15.03 6.15 -8.16
C SER A 245 16.47 6.45 -7.74
N ARG A 246 16.79 7.73 -7.52
CA ARG A 246 18.13 8.16 -7.08
C ARG A 246 18.48 7.70 -5.66
N SER A 247 17.53 7.82 -4.75
CA SER A 247 17.67 7.26 -3.41
C SER A 247 18.01 5.76 -3.45
N LEU A 248 17.23 4.99 -4.20
CA LEU A 248 17.39 3.53 -4.31
C LEU A 248 18.73 3.10 -4.94
N LEU A 249 19.18 3.83 -5.95
CA LEU A 249 20.52 3.64 -6.53
C LEU A 249 21.67 3.97 -5.56
N ARG A 250 21.59 5.13 -4.90
CA ARG A 250 22.52 5.51 -3.84
C ARG A 250 22.65 4.44 -2.73
N ARG A 251 21.51 3.93 -2.27
CA ARG A 251 21.49 2.87 -1.26
C ARG A 251 22.13 1.58 -1.76
N MET A 252 22.08 1.35 -3.07
CA MET A 252 22.67 0.15 -3.69
C MET A 252 24.20 0.20 -3.74
N THR A 253 24.77 1.38 -4.01
CA THR A 253 26.23 1.47 -4.10
C THR A 253 26.86 1.55 -2.71
N ARG A 254 26.11 2.07 -1.75
CA ARG A 254 26.53 2.19 -0.36
C ARG A 254 25.46 1.66 0.62
N PRO A 255 25.25 0.33 0.64
CA PRO A 255 24.25 -0.30 1.52
C PRO A 255 24.67 -0.44 2.99
N SER A 256 23.87 0.13 3.90
CA SER A 256 24.13 0.05 5.34
C SER A 256 23.84 -1.34 5.86
N GLY A 257 22.92 -2.04 5.19
CA GLY A 257 22.47 -3.37 5.59
C GLY A 257 21.62 -3.37 6.83
N LYS A 258 21.06 -2.21 7.18
CA LYS A 258 20.38 -2.06 8.45
C LYS A 258 19.09 -1.25 8.33
N ALA A 259 17.99 -1.83 8.81
CA ALA A 259 16.70 -1.15 8.89
C ALA A 259 16.57 -0.39 10.21
N ILE A 260 15.76 0.67 10.21
CA ILE A 260 15.47 1.35 11.47
C ILE A 260 14.17 0.79 11.99
N ILE A 261 14.26 0.02 13.07
CA ILE A 261 13.12 -0.67 13.71
C ILE A 261 12.35 0.27 14.65
N GLU A 262 11.03 0.33 14.48
CA GLU A 262 10.17 1.10 15.36
C GLU A 262 8.96 0.27 15.79
N GLY A 263 8.16 0.81 16.71
CA GLY A 263 6.98 0.13 17.23
C GLY A 263 5.88 -0.06 16.19
N ASP A 264 5.22 -1.21 16.26
CA ASP A 264 4.14 -1.65 15.34
C ASP A 264 2.87 -0.82 15.46
N VAL A 265 1.91 -1.06 14.55
CA VAL A 265 0.61 -0.40 14.61
C VAL A 265 -0.28 -1.09 15.66
N PHE A 266 -0.55 -0.38 16.74
CA PHE A 266 -1.43 -0.86 17.81
C PHE A 266 -2.71 -0.06 17.79
N LEU A 267 -3.81 -0.71 18.13
CA LEU A 267 -5.13 -0.12 17.96
C LEU A 267 -5.93 -0.19 19.24
N PRO A 268 -6.89 0.75 19.42
CA PRO A 268 -7.90 0.56 20.48
C PRO A 268 -8.82 -0.58 20.08
N THR A 269 -9.57 -1.12 21.03
CA THR A 269 -10.40 -2.31 20.78
C THR A 269 -11.88 -2.04 21.07
N GLY A 270 -12.75 -2.96 20.62
CA GLY A 270 -14.18 -2.84 20.82
C GLY A 270 -14.98 -2.43 19.58
N THR A 271 -16.30 -2.42 19.75
CA THR A 271 -17.25 -1.99 18.74
C THR A 271 -17.33 -0.47 18.65
N ARG A 272 -17.85 0.00 17.52
CA ARG A 272 -18.24 1.39 17.32
C ARG A 272 -19.72 1.44 16.94
N SER A 273 -20.38 2.54 17.32
CA SER A 273 -21.78 2.76 16.97
C SER A 273 -21.94 3.40 15.59
N SAM B . -3.32 -3.66 2.54
CA SAM B . -3.25 -5.09 2.97
C SAM B . -2.91 -5.24 4.45
O SAM B . -2.36 -4.31 5.04
OXT SAM B . -3.18 -6.26 5.10
CB SAM B . -2.26 -5.88 2.11
CG SAM B . -2.87 -6.30 0.78
SD SAM B . -1.82 -7.33 -0.26
CE SAM B . -0.40 -6.25 -0.57
C5' SAM B . -2.61 -7.22 -1.88
C4' SAM B . -3.80 -8.16 -2.02
O4' SAM B . -4.54 -7.83 -3.19
C3' SAM B . -3.37 -9.63 -2.15
O3' SAM B . -3.79 -10.35 -1.03
C2' SAM B . -4.03 -10.10 -3.44
O2' SAM B . -4.64 -11.36 -3.32
C1' SAM B . -5.09 -9.02 -3.68
N9 SAM B . -5.44 -8.92 -5.11
C8 SAM B . -4.61 -9.00 -6.20
N7 SAM B . -5.36 -8.84 -7.32
C5 SAM B . -6.66 -8.66 -6.95
C6 SAM B . -7.85 -8.46 -7.65
N6 SAM B . -7.89 -8.40 -8.99
N1 SAM B . -9.01 -8.31 -6.93
C2 SAM B . -9.02 -8.35 -5.56
N3 SAM B . -7.86 -8.56 -4.87
C4 SAM B . -6.71 -8.70 -5.55
PA GTG C . 11.40 -9.75 -3.27
O1A GTG C . 11.14 -11.37 -3.12
O2A GTG C . 11.49 -9.05 -1.94
O3A GTG C . 9.78 -9.62 -3.04
PB GTG C . 8.58 -10.54 -3.72
O1B GTG C . 7.24 -9.62 -3.58
O2B GTG C . 8.81 -10.87 -5.16
O3B GTG C . 8.33 -11.90 -2.81
N9A GTG C . 14.77 -10.33 -6.33
C8A GTG C . 14.02 -11.20 -5.62
N7A GTG C . 14.84 -12.13 -5.14
C7X GTG C . 14.37 -13.28 -4.31
C5A GTG C . 16.10 -11.87 -5.52
C6A GTG C . 17.34 -12.48 -5.29
O6A GTG C . 17.45 -13.52 -4.63
N1A GTG C . 18.47 -11.90 -5.85
C2A GTG C . 18.34 -10.72 -6.61
N2A GTG C . 19.41 -10.15 -7.16
N3A GTG C . 17.14 -10.17 -6.82
C4A GTG C . 16.03 -10.72 -6.28
O5D GTG C . 10.91 -9.11 -4.73
C5D GTG C . 11.38 -7.86 -5.22
C4D GTG C . 12.30 -7.98 -6.44
O4D GTG C . 13.66 -8.24 -6.03
C3D GTG C . 11.95 -9.11 -7.44
O3D GTG C . 10.97 -8.64 -8.37
C2D GTG C . 13.27 -9.27 -8.16
O2D GTG C . 13.43 -8.15 -9.08
C1D GTG C . 14.30 -9.11 -7.04
PG GTG C . 7.79 -12.02 -1.25
O1G GTG C . 6.71 -13.23 -1.31
O2G GTG C . 8.90 -12.34 -0.30
O5E GTG C . 6.96 -10.67 -0.80
C5E GTG C . 5.52 -10.60 -0.83
C4E GTG C . 4.89 -10.93 0.53
O4E GTG C . 5.87 -10.96 1.60
C3E GTG C . 3.90 -9.83 0.91
O3E GTG C . 2.56 -10.35 0.84
C2E GTG C . 4.26 -9.48 2.36
O2E GTG C . 3.08 -9.41 3.19
C1E GTG C . 5.13 -10.66 2.80
N9B GTG C . 6.06 -10.30 3.91
C8B GTG C . 5.91 -9.29 4.78
N7B GTG C . 6.95 -9.28 5.63
C5B GTG C . 7.76 -10.27 5.30
C6B GTG C . 8.96 -10.73 5.83
O6B GTG C . 9.47 -10.16 6.80
N1B GTG C . 9.59 -11.83 5.24
C2B GTG C . 8.99 -12.46 4.14
N2B GTG C . 9.56 -13.51 3.57
N3B GTG C . 7.82 -12.00 3.65
C4B GTG C . 7.21 -10.93 4.21
S SO4 D . 3.34 -10.45 9.38
O1 SO4 D . 4.48 -9.78 9.97
O2 SO4 D . 2.23 -10.43 10.34
O3 SO4 D . 2.94 -9.75 8.14
O4 SO4 D . 3.65 -11.84 9.12
S SO4 E . 2.96 -5.53 2.74
O1 SO4 E . 3.49 -4.45 3.56
O2 SO4 E . 1.87 -6.20 3.44
O3 SO4 E . 2.47 -5.00 1.48
O4 SO4 E . 4.05 -6.47 2.49
#